data_9DHI
#
_entry.id   9DHI
#
_cell.length_a   90.758
_cell.length_b   90.758
_cell.length_c   122.778
_cell.angle_alpha   90.00
_cell.angle_beta   90.00
_cell.angle_gamma   120.00
#
_symmetry.space_group_name_H-M   'P 32 2 1'
#
loop_
_entity.id
_entity.type
_entity.pdbx_description
1 polymer 'Dihydroorotate dehydrogenase (quinone), mitochondrial'
2 non-polymer 'FLAVIN MONONUCLEOTIDE'
3 non-polymer 'OROTIC ACID'
4 non-polymer (2M,6P)-6-[4-ethyl-3-(hydroxymethyl)-5-oxo-4,5-dihydro-1H-1,2,4-triazol-1-yl]-7-fluoro-2-(2-methylphenyl)-4-(propan-2-yl)phthalazin-1(2H)-one
5 non-polymer 'SULFATE ION'
6 non-polymer 'ACETATE ION'
7 non-polymer 'CHLORIDE ION'
8 non-polymer 1,2-ETHANEDIOL
9 non-polymer 'TRIETHYLENE GLYCOL'
10 water water
#
_entity_poly.entity_id   1
_entity_poly.type   'polypeptide(L)'
_entity_poly.pdbx_seq_one_letter_code
;GAMATGDERFYAEHLMPTLQGLLDPESAHRLAVRFTSLGLLPRARFQDSDMLEVRVLGHKFRNPVGIAAGFDKHGEAVDG
LYKMGFGFVEIGSVTPKPQEGNPRPRVFRLPEDQAVINRYGFNSHGLSVVEHRLRARQQKQAKLTEDGLPLGVNLGKNKT
SVDAAEDYAEGVRVLGPLADYLVVNVSSPNTAGLRSLQGKAELRRLLTKVLQERDGLRRVHRPAVLVKIAPDLTSQDKED
IASVVKELGIDGLIVTNTTVSRPAGLQGALRSETGGLSGKPLRDLSTQTIREMYALTQGRVPIIGVGGVSSGQDALEKIR
AGASLVQLYTALTFWGPPVVGKVKRELEALLKEQGFGGVTDAIGADHRR
;
_entity_poly.pdbx_strand_id   A
#
loop_
_chem_comp.id
_chem_comp.type
_chem_comp.name
_chem_comp.formula
A1A4N non-polymer (2M,6P)-6-[4-ethyl-3-(hydroxymethyl)-5-oxo-4,5-dihydro-1H-1,2,4-triazol-1-yl]-7-fluoro-2-(2-methylphenyl)-4-(propan-2-yl)phthalazin-1(2H)-one 'C23 H24 F N5 O3'
ACT non-polymer 'ACETATE ION' 'C2 H3 O2 -1'
CL non-polymer 'CHLORIDE ION' 'Cl -1'
EDO non-polymer 1,2-ETHANEDIOL 'C2 H6 O2'
FMN non-polymer 'FLAVIN MONONUCLEOTIDE' 'C17 H21 N4 O9 P'
ORO non-polymer 'OROTIC ACID' 'C5 H4 N2 O4'
PGE non-polymer 'TRIETHYLENE GLYCOL' 'C6 H14 O4'
SO4 non-polymer 'SULFATE ION' 'O4 S -2'
#
# COMPACT_ATOMS: atom_id res chain seq x y z
N ALA A 4 -13.86 21.31 6.43
CA ALA A 4 -12.37 21.30 6.59
C ALA A 4 -11.98 21.77 8.00
N THR A 5 -11.14 20.99 8.67
CA THR A 5 -10.62 21.30 10.02
C THR A 5 -9.55 22.38 9.84
N GLY A 6 -9.20 23.03 10.94
CA GLY A 6 -8.10 24.01 11.00
C GLY A 6 -6.80 23.33 10.63
N ASP A 7 -6.57 22.13 11.17
CA ASP A 7 -5.34 21.33 10.97
C ASP A 7 -5.21 20.99 9.48
N GLU A 8 -6.28 20.56 8.80
CA GLU A 8 -6.17 20.13 7.38
C GLU A 8 -5.62 21.30 6.56
N ARG A 9 -6.20 22.49 6.74
CA ARG A 9 -5.83 23.70 5.97
C ARG A 9 -4.40 24.12 6.33
N PHE A 10 -4.06 24.16 7.61
CA PHE A 10 -2.73 24.61 8.09
C PHE A 10 -1.65 23.69 7.53
N TYR A 11 -1.87 22.37 7.61
CA TYR A 11 -0.89 21.36 7.13
C TYR A 11 -0.71 21.49 5.61
N ALA A 12 -1.81 21.54 4.86
CA ALA A 12 -1.78 21.50 3.38
C ALA A 12 -1.27 22.83 2.81
N GLU A 13 -1.67 23.96 3.39
CA GLU A 13 -1.42 25.30 2.81
C GLU A 13 -0.08 25.87 3.32
N HIS A 14 0.38 25.50 4.52
CA HIS A 14 1.51 26.16 5.22
C HIS A 14 2.59 25.16 5.67
N LEU A 15 2.27 24.23 6.57
CA LEU A 15 3.32 23.44 7.26
C LEU A 15 4.02 22.50 6.28
N MET A 16 3.27 21.70 5.53
CA MET A 16 3.91 20.70 4.63
C MET A 16 4.71 21.40 3.53
N PRO A 17 4.19 22.43 2.81
CA PRO A 17 5.01 23.10 1.81
C PRO A 17 6.30 23.71 2.40
N THR A 18 6.22 24.24 3.62
CA THR A 18 7.37 24.86 4.33
C THR A 18 8.40 23.77 4.62
N LEU A 19 7.99 22.65 5.25
CA LEU A 19 8.93 21.55 5.61
C LEU A 19 9.53 20.93 4.35
N GLN A 20 8.73 20.68 3.32
CA GLN A 20 9.22 20.06 2.06
C GLN A 20 10.20 21.02 1.37
N GLY A 21 10.01 22.32 1.51
CA GLY A 21 10.91 23.35 0.96
C GLY A 21 12.26 23.42 1.68
N LEU A 22 12.34 22.91 2.92
CA LEU A 22 13.57 22.95 3.77
C LEU A 22 14.36 21.65 3.68
N LEU A 23 13.74 20.55 3.21
CA LEU A 23 14.32 19.19 3.31
C LEU A 23 14.44 18.56 1.93
N ASP A 24 15.51 17.78 1.73
N ASP A 24 15.49 17.76 1.74
CA ASP A 24 15.59 16.86 0.58
CA ASP A 24 15.63 16.85 0.58
C ASP A 24 14.45 15.86 0.73
C ASP A 24 14.58 15.75 0.73
N PRO A 25 13.97 15.24 -0.37
CA PRO A 25 12.81 14.35 -0.26
C PRO A 25 13.03 13.09 0.60
N GLU A 26 14.20 12.46 0.48
CA GLU A 26 14.49 11.26 1.31
C GLU A 26 14.66 11.67 2.78
N SER A 27 15.27 12.83 3.06
N SER A 27 15.29 12.82 3.05
CA SER A 27 15.37 13.36 4.46
CA SER A 27 15.39 13.40 4.40
C SER A 27 13.97 13.61 5.02
C SER A 27 13.98 13.56 4.98
N ALA A 28 13.06 14.12 4.19
CA ALA A 28 11.66 14.34 4.60
C ALA A 28 11.02 12.99 4.97
N HIS A 29 11.23 11.96 4.16
CA HIS A 29 10.71 10.59 4.39
C HIS A 29 11.24 10.08 5.74
N ARG A 30 12.54 10.16 5.94
CA ARG A 30 13.20 9.64 7.16
C ARG A 30 12.65 10.38 8.40
N LEU A 31 12.53 11.70 8.34
N LEU A 31 12.51 11.69 8.32
CA LEU A 31 12.01 12.51 9.48
CA LEU A 31 12.02 12.51 9.47
C LEU A 31 10.56 12.11 9.76
C LEU A 31 10.55 12.17 9.77
N ALA A 32 9.76 11.91 8.72
CA ALA A 32 8.34 11.50 8.87
C ALA A 32 8.25 10.18 9.63
N VAL A 33 9.10 9.21 9.30
CA VAL A 33 9.10 7.90 10.01
C VAL A 33 9.45 8.15 11.48
N ARG A 34 10.40 9.07 11.73
N ARG A 34 10.54 8.87 11.74
CA ARG A 34 10.83 9.45 13.11
CA ARG A 34 11.06 9.05 13.12
C ARG A 34 9.66 10.09 13.85
C ARG A 34 9.96 9.65 14.00
N PHE A 35 9.04 11.14 13.30
N PHE A 35 9.29 10.67 13.45
CA PHE A 35 7.91 11.82 13.98
CA PHE A 35 8.25 11.50 14.11
C PHE A 35 6.83 10.78 14.28
C PHE A 35 6.96 10.71 14.31
N THR A 36 6.55 9.91 13.31
CA THR A 36 5.41 8.98 13.43
C THR A 36 5.71 7.97 14.54
N SER A 37 6.93 7.43 14.57
CA SER A 37 7.37 6.42 15.56
C SER A 37 7.31 7.02 16.99
N LEU A 38 7.54 8.34 17.11
CA LEU A 38 7.53 9.06 18.41
C LEU A 38 6.11 9.51 18.79
N GLY A 39 5.14 9.38 17.88
CA GLY A 39 3.75 9.84 18.09
C GLY A 39 3.62 11.36 18.04
N LEU A 40 4.57 12.04 17.41
N LEU A 40 4.57 12.05 17.41
CA LEU A 40 4.53 13.52 17.24
CA LEU A 40 4.54 13.53 17.26
C LEU A 40 3.58 13.80 16.08
C LEU A 40 3.59 13.87 16.11
N LEU A 41 2.28 13.78 16.38
CA LEU A 41 1.21 13.78 15.36
C LEU A 41 0.11 14.74 15.79
N PRO A 42 -0.57 15.41 14.84
CA PRO A 42 -1.78 16.16 15.18
C PRO A 42 -2.87 15.19 15.63
N ARG A 43 -3.83 15.68 16.41
CA ARG A 43 -4.99 14.88 16.89
C ARG A 43 -5.75 14.34 15.68
N ALA A 44 -6.01 13.03 15.65
CA ALA A 44 -6.95 12.37 14.72
C ALA A 44 -8.36 12.53 15.30
N ARG A 45 -8.99 13.67 15.02
CA ARG A 45 -10.31 14.12 15.57
C ARG A 45 -11.42 13.14 15.16
N PHE A 46 -11.29 12.53 13.99
CA PHE A 46 -12.36 11.74 13.33
C PHE A 46 -12.63 10.43 14.09
N GLN A 47 -13.89 10.19 14.46
CA GLN A 47 -14.34 8.95 15.15
C GLN A 47 -14.90 8.00 14.08
N ASP A 48 -14.28 6.83 13.92
CA ASP A 48 -14.72 5.83 12.91
C ASP A 48 -16.15 5.41 13.25
N SER A 49 -17.03 5.45 12.27
CA SER A 49 -18.45 5.03 12.37
C SER A 49 -18.58 3.58 11.89
N ASP A 50 -19.68 2.94 12.27
CA ASP A 50 -20.01 1.56 11.87
C ASP A 50 -20.05 1.47 10.34
N MET A 51 -20.44 2.56 9.64
CA MET A 51 -20.63 2.46 8.17
C MET A 51 -19.28 2.42 7.46
N LEU A 52 -18.15 2.68 8.15
CA LEU A 52 -16.80 2.49 7.53
C LEU A 52 -16.19 1.10 7.79
N GLU A 53 -16.82 0.27 8.62
N GLU A 53 -16.80 0.27 8.65
CA GLU A 53 -16.25 -1.06 8.94
CA GLU A 53 -16.26 -1.08 8.96
C GLU A 53 -16.39 -1.98 7.72
C GLU A 53 -16.40 -1.99 7.73
N VAL A 54 -15.35 -2.77 7.45
CA VAL A 54 -15.31 -3.76 6.35
C VAL A 54 -14.82 -5.07 6.93
N ARG A 55 -15.49 -6.17 6.60
CA ARG A 55 -15.04 -7.54 6.93
C ARG A 55 -14.53 -8.19 5.64
N VAL A 56 -13.23 -8.42 5.56
CA VAL A 56 -12.58 -9.08 4.39
C VAL A 56 -11.24 -9.72 4.83
N LEU A 57 -10.73 -10.70 4.07
CA LEU A 57 -9.40 -11.33 4.27
C LEU A 57 -9.33 -11.98 5.66
N GLY A 58 -10.48 -12.39 6.21
CA GLY A 58 -10.58 -13.07 7.51
C GLY A 58 -10.45 -12.10 8.68
N HIS A 59 -10.61 -10.79 8.46
CA HIS A 59 -10.46 -9.74 9.51
C HIS A 59 -11.54 -8.64 9.44
N LYS A 60 -11.80 -8.01 10.58
CA LYS A 60 -12.53 -6.73 10.71
C LYS A 60 -11.54 -5.59 10.46
N PHE A 61 -11.93 -4.64 9.62
CA PHE A 61 -11.20 -3.37 9.40
C PHE A 61 -12.10 -2.24 9.90
N ARG A 62 -11.66 -1.51 10.92
N ARG A 62 -11.67 -1.50 10.92
CA ARG A 62 -12.44 -0.43 11.56
CA ARG A 62 -12.47 -0.40 11.56
C ARG A 62 -12.79 0.64 10.51
C ARG A 62 -12.80 0.67 10.51
N ASN A 63 -11.88 0.90 9.58
CA ASN A 63 -12.15 1.80 8.45
C ASN A 63 -11.35 1.26 7.27
N PRO A 64 -11.68 1.64 6.03
CA PRO A 64 -11.08 1.01 4.85
C PRO A 64 -9.86 1.74 4.30
N VAL A 65 -9.29 2.66 5.07
CA VAL A 65 -8.18 3.52 4.57
C VAL A 65 -6.88 3.07 5.24
N GLY A 66 -5.97 2.54 4.43
CA GLY A 66 -4.68 2.04 4.92
C GLY A 66 -3.51 2.87 4.42
N ILE A 67 -2.38 2.71 5.07
CA ILE A 67 -1.09 3.26 4.58
C ILE A 67 -0.47 2.23 3.64
N ALA A 68 -0.15 2.65 2.42
CA ALA A 68 0.46 1.78 1.42
C ALA A 68 1.90 1.41 1.81
N ALA A 69 2.40 0.32 1.25
CA ALA A 69 3.81 -0.06 1.38
C ALA A 69 4.72 1.07 0.88
N GLY A 70 5.90 1.15 1.47
CA GLY A 70 6.93 2.09 1.05
C GLY A 70 7.15 3.19 2.06
N PHE A 71 6.12 3.59 2.79
CA PHE A 71 6.29 4.64 3.82
C PHE A 71 7.10 4.04 4.98
N ASP A 72 6.61 2.94 5.53
CA ASP A 72 7.27 2.24 6.67
C ASP A 72 7.85 0.92 6.14
N LYS A 73 8.96 1.00 5.43
CA LYS A 73 9.58 -0.18 4.79
C LYS A 73 10.04 -1.17 5.86
N HIS A 74 10.45 -0.71 7.04
CA HIS A 74 11.17 -1.58 8.01
C HIS A 74 10.36 -1.80 9.30
N GLY A 75 9.08 -1.43 9.33
CA GLY A 75 8.21 -1.68 10.48
C GLY A 75 8.60 -0.88 11.71
N GLU A 76 9.02 0.36 11.50
CA GLU A 76 9.48 1.27 12.59
C GLU A 76 8.36 2.16 13.15
N ALA A 77 7.23 2.31 12.46
CA ALA A 77 6.25 3.38 12.77
C ALA A 77 4.82 2.83 12.82
N VAL A 78 4.67 1.54 13.04
CA VAL A 78 3.33 0.89 12.92
C VAL A 78 2.34 1.54 13.90
N ASP A 79 2.71 1.65 15.16
CA ASP A 79 1.76 2.17 16.18
C ASP A 79 1.40 3.63 15.87
N GLY A 80 2.37 4.43 15.44
CA GLY A 80 2.12 5.82 15.06
C GLY A 80 1.21 5.92 13.85
N LEU A 81 1.28 4.97 12.93
CA LEU A 81 0.38 4.98 11.75
C LEU A 81 -1.06 4.67 12.18
N TYR A 82 -1.27 3.76 13.13
CA TYR A 82 -2.65 3.58 13.68
C TYR A 82 -3.10 4.88 14.36
N LYS A 83 -2.18 5.58 15.03
N LYS A 83 -2.21 5.55 15.10
CA LYS A 83 -2.50 6.85 15.74
CA LYS A 83 -2.57 6.80 15.83
C LYS A 83 -2.87 7.95 14.74
C LYS A 83 -3.06 7.85 14.81
N MET A 84 -2.44 7.86 13.49
N MET A 84 -2.49 7.82 13.60
CA MET A 84 -2.88 8.81 12.44
CA MET A 84 -2.84 8.75 12.50
C MET A 84 -4.34 8.54 12.06
C MET A 84 -4.25 8.47 11.95
N GLY A 85 -4.85 7.33 12.29
CA GLY A 85 -6.25 6.98 11.99
C GLY A 85 -6.38 6.00 10.84
N PHE A 86 -5.27 5.43 10.36
CA PHE A 86 -5.35 4.35 9.35
C PHE A 86 -6.08 3.15 9.94
N GLY A 87 -6.98 2.54 9.15
CA GLY A 87 -7.71 1.32 9.53
C GLY A 87 -6.84 0.08 9.45
N PHE A 88 -5.74 0.16 8.71
CA PHE A 88 -4.78 -0.95 8.60
C PHE A 88 -3.45 -0.39 8.14
N VAL A 89 -2.40 -1.12 8.47
CA VAL A 89 -1.02 -0.70 8.17
C VAL A 89 -0.37 -1.81 7.35
N GLU A 90 0.33 -1.42 6.30
CA GLU A 90 1.17 -2.34 5.52
C GLU A 90 2.60 -1.85 5.62
N ILE A 91 3.49 -2.73 6.06
CA ILE A 91 4.94 -2.43 6.10
C ILE A 91 5.63 -3.13 4.94
N GLY A 92 6.84 -2.69 4.65
CA GLY A 92 7.65 -3.26 3.57
C GLY A 92 7.71 -2.35 2.36
N SER A 93 8.30 -2.84 1.27
CA SER A 93 8.72 -4.22 1.09
C SER A 93 9.95 -4.58 1.96
N VAL A 94 9.95 -5.81 2.45
CA VAL A 94 11.09 -6.38 3.20
C VAL A 94 11.77 -7.43 2.33
N THR A 95 13.09 -7.37 2.23
CA THR A 95 13.89 -8.36 1.47
C THR A 95 14.52 -9.34 2.44
N PRO A 96 14.87 -10.57 2.00
CA PRO A 96 15.44 -11.54 2.94
C PRO A 96 16.68 -11.04 3.69
N LYS A 97 17.69 -10.64 2.93
N LYS A 97 17.69 -10.64 2.93
CA LYS A 97 18.94 -10.06 3.47
CA LYS A 97 18.94 -10.05 3.46
C LYS A 97 18.81 -8.54 3.46
C LYS A 97 18.79 -8.53 3.48
N PRO A 98 19.48 -7.82 4.39
CA PRO A 98 19.54 -6.36 4.31
C PRO A 98 20.16 -5.95 2.97
N GLN A 99 19.68 -4.85 2.42
CA GLN A 99 20.35 -4.26 1.23
C GLN A 99 20.09 -2.75 1.21
N GLU A 100 21.01 -2.04 0.59
CA GLU A 100 21.09 -0.57 0.65
C GLU A 100 20.08 0.08 -0.29
N GLY A 101 19.69 -0.60 -1.37
CA GLY A 101 18.92 0.01 -2.47
C GLY A 101 19.82 0.84 -3.39
N ASN A 102 19.20 1.68 -4.20
CA ASN A 102 19.88 2.47 -5.25
C ASN A 102 20.63 3.63 -4.61
N PRO A 103 21.63 4.20 -5.31
CA PRO A 103 22.30 5.42 -4.85
C PRO A 103 21.36 6.64 -4.83
N ARG A 104 21.62 7.57 -3.90
CA ARG A 104 20.87 8.85 -3.72
CA ARG A 104 20.88 8.83 -3.73
C ARG A 104 21.43 9.88 -4.69
N PRO A 105 20.62 10.67 -5.42
N PRO A 105 20.60 10.84 -5.13
CA PRO A 105 19.19 10.82 -5.18
CA PRO A 105 19.16 10.83 -4.83
C PRO A 105 18.32 9.68 -5.76
C PRO A 105 18.32 9.84 -5.67
N ARG A 106 17.26 9.33 -5.04
CA ARG A 106 16.38 8.24 -5.55
C ARG A 106 14.90 8.51 -5.27
N VAL A 107 14.55 9.74 -4.89
N VAL A 107 14.58 9.72 -4.83
CA VAL A 107 13.12 10.11 -4.75
CA VAL A 107 13.19 10.21 -4.59
C VAL A 107 12.98 11.59 -5.06
C VAL A 107 13.11 11.59 -5.22
N PHE A 108 12.00 11.90 -5.89
CA PHE A 108 11.84 13.19 -6.61
C PHE A 108 10.42 13.67 -6.44
N ARG A 109 10.27 14.94 -6.07
CA ARG A 109 8.95 15.57 -5.88
C ARG A 109 8.52 16.24 -7.17
N LEU A 110 7.26 16.06 -7.55
CA LEU A 110 6.63 16.75 -8.70
C LEU A 110 5.42 17.49 -8.13
N PRO A 111 5.64 18.58 -7.37
CA PRO A 111 4.51 19.24 -6.70
C PRO A 111 3.45 19.77 -7.66
N GLU A 112 3.87 20.19 -8.86
N GLU A 112 3.85 20.26 -8.84
CA GLU A 112 2.97 20.75 -9.91
CA GLU A 112 2.88 20.78 -9.83
C GLU A 112 1.99 19.67 -10.40
C GLU A 112 1.91 19.66 -10.27
N ASP A 113 2.34 18.40 -10.18
CA ASP A 113 1.56 17.22 -10.60
C ASP A 113 0.93 16.49 -9.39
N GLN A 114 1.17 16.97 -8.16
N GLN A 114 1.20 16.94 -8.17
CA GLN A 114 0.86 16.24 -6.91
CA GLN A 114 0.78 16.21 -6.94
C GLN A 114 1.31 14.78 -7.06
C GLN A 114 1.31 14.76 -7.07
N ALA A 115 2.57 14.61 -7.47
CA ALA A 115 3.16 13.30 -7.79
C ALA A 115 4.55 13.19 -7.18
N VAL A 116 5.02 11.96 -7.10
CA VAL A 116 6.40 11.61 -6.71
C VAL A 116 6.91 10.60 -7.72
N ILE A 117 8.21 10.63 -7.98
CA ILE A 117 8.91 9.52 -8.67
C ILE A 117 9.92 8.95 -7.68
N ASN A 118 9.94 7.65 -7.52
CA ASN A 118 10.95 7.00 -6.66
C ASN A 118 11.63 5.84 -7.39
N ARG A 119 12.90 5.64 -7.03
CA ARG A 119 13.68 4.47 -7.45
C ARG A 119 14.48 4.01 -6.23
N TYR A 120 13.81 3.81 -5.11
CA TYR A 120 14.52 3.34 -3.88
C TYR A 120 15.28 2.05 -4.15
N GLY A 121 14.71 1.11 -4.89
CA GLY A 121 15.36 -0.18 -5.17
C GLY A 121 15.35 -1.14 -3.99
N PHE A 122 14.27 -1.12 -3.21
N PHE A 122 14.27 -1.16 -3.22
CA PHE A 122 14.02 -2.07 -2.09
CA PHE A 122 14.11 -2.11 -2.08
C PHE A 122 15.14 -1.97 -1.06
C PHE A 122 15.26 -1.97 -1.08
N ASN A 123 15.46 -0.74 -0.62
CA ASN A 123 16.29 -0.51 0.58
C ASN A 123 15.57 -1.22 1.73
N SER A 124 16.23 -2.14 2.39
CA SER A 124 15.54 -2.96 3.41
C SER A 124 16.50 -3.30 4.54
N HIS A 125 16.00 -3.21 5.77
CA HIS A 125 16.72 -3.74 6.95
C HIS A 125 16.80 -5.27 6.93
N GLY A 126 16.00 -5.94 6.10
CA GLY A 126 16.03 -7.40 5.98
C GLY A 126 15.08 -8.09 6.95
N LEU A 127 14.78 -9.34 6.65
CA LEU A 127 13.76 -10.09 7.42
C LEU A 127 14.09 -10.20 8.90
N SER A 128 15.35 -10.48 9.26
N SER A 128 15.34 -10.48 9.28
CA SER A 128 15.72 -10.73 10.68
CA SER A 128 15.69 -10.74 10.70
C SER A 128 15.42 -9.48 11.52
C SER A 128 15.43 -9.48 11.54
N VAL A 129 15.87 -8.31 11.07
CA VAL A 129 15.66 -7.05 11.82
C VAL A 129 14.15 -6.79 11.94
N VAL A 130 13.40 -6.93 10.85
CA VAL A 130 11.96 -6.62 10.89
C VAL A 130 11.25 -7.64 11.78
N GLU A 131 11.65 -8.92 11.71
N GLU A 131 11.65 -8.92 11.71
CA GLU A 131 11.09 -10.00 12.55
CA GLU A 131 11.06 -9.98 12.57
C GLU A 131 11.20 -9.60 14.03
C GLU A 131 11.19 -9.58 14.04
N HIS A 132 12.39 -9.18 14.46
CA HIS A 132 12.62 -8.82 15.87
C HIS A 132 11.80 -7.58 16.24
N ARG A 133 11.68 -6.63 15.33
N ARG A 133 11.69 -6.59 15.36
CA ARG A 133 10.93 -5.38 15.55
CA ARG A 133 10.87 -5.38 15.62
C ARG A 133 9.44 -5.69 15.73
C ARG A 133 9.40 -5.78 15.82
N LEU A 134 8.86 -6.61 14.93
CA LEU A 134 7.44 -7.00 15.06
C LEU A 134 7.26 -7.91 16.29
N ARG A 135 8.22 -8.76 16.60
CA ARG A 135 8.09 -9.63 17.80
C ARG A 135 7.98 -8.79 19.08
N ALA A 136 8.64 -7.64 19.13
CA ALA A 136 8.64 -6.78 20.32
C ALA A 136 7.24 -6.26 20.64
N ARG A 137 6.33 -6.26 19.65
CA ARG A 137 4.97 -5.72 19.79
C ARG A 137 3.94 -6.75 19.28
N GLN A 138 4.30 -8.04 19.27
CA GLN A 138 3.43 -9.08 18.67
C GLN A 138 2.07 -9.15 19.39
N GLN A 139 2.04 -9.13 20.73
CA GLN A 139 0.75 -9.24 21.45
C GLN A 139 -0.01 -7.92 21.38
N LYS A 140 0.69 -6.79 21.35
CA LYS A 140 0.02 -5.49 21.11
C LYS A 140 -0.69 -5.55 19.76
N GLN A 141 -0.03 -6.09 18.74
CA GLN A 141 -0.66 -6.21 17.41
C GLN A 141 -1.84 -7.19 17.46
N ALA A 142 -1.72 -8.31 18.18
CA ALA A 142 -2.85 -9.25 18.28
C ALA A 142 -4.10 -8.51 18.78
N LYS A 143 -3.94 -7.61 19.76
N LYS A 143 -3.94 -7.66 19.80
CA LYS A 143 -5.08 -6.86 20.36
CA LYS A 143 -5.06 -6.86 20.37
C LYS A 143 -5.57 -5.79 19.39
C LYS A 143 -5.57 -5.87 19.32
N LEU A 144 -4.66 -5.16 18.64
CA LEU A 144 -5.06 -4.17 17.59
C LEU A 144 -5.88 -4.89 16.52
N THR A 145 -5.41 -6.04 16.05
CA THR A 145 -6.13 -6.79 15.00
C THR A 145 -7.53 -7.18 15.50
N GLU A 146 -7.63 -7.68 16.73
CA GLU A 146 -8.92 -8.08 17.33
C GLU A 146 -9.85 -6.86 17.39
N ASP A 147 -9.28 -5.66 17.58
CA ASP A 147 -10.00 -4.37 17.68
C ASP A 147 -10.27 -3.76 16.29
N GLY A 148 -9.95 -4.47 15.20
CA GLY A 148 -10.26 -4.02 13.83
C GLY A 148 -9.13 -3.24 13.16
N LEU A 149 -7.88 -3.43 13.59
CA LEU A 149 -6.72 -2.69 13.03
C LEU A 149 -5.64 -3.67 12.59
N PRO A 150 -5.85 -4.36 11.44
CA PRO A 150 -4.91 -5.40 11.01
C PRO A 150 -3.59 -4.85 10.44
N LEU A 151 -2.63 -5.76 10.35
CA LEU A 151 -1.26 -5.50 9.86
C LEU A 151 -0.95 -6.35 8.65
N GLY A 152 -0.49 -5.71 7.58
CA GLY A 152 0.01 -6.39 6.39
C GLY A 152 1.52 -6.27 6.30
N VAL A 153 2.15 -7.29 5.74
CA VAL A 153 3.60 -7.31 5.50
C VAL A 153 3.84 -7.59 4.03
N ASN A 154 4.57 -6.69 3.40
CA ASN A 154 4.85 -6.76 1.96
C ASN A 154 6.27 -7.30 1.77
N LEU A 155 6.37 -8.37 0.98
CA LEU A 155 7.64 -9.11 0.77
C LEU A 155 8.23 -8.76 -0.59
N GLY A 156 9.53 -8.50 -0.60
CA GLY A 156 10.32 -8.33 -1.83
C GLY A 156 11.42 -9.35 -1.94
N LYS A 157 12.28 -9.15 -2.93
CA LYS A 157 13.40 -10.06 -3.20
C LYS A 157 14.68 -9.24 -3.27
N ASN A 158 15.78 -9.88 -2.90
CA ASN A 158 17.10 -9.23 -2.96
C ASN A 158 17.53 -9.04 -4.42
N LYS A 159 18.28 -7.98 -4.65
CA LYS A 159 18.79 -7.59 -5.98
C LYS A 159 19.58 -8.77 -6.60
N THR A 160 20.41 -9.45 -5.82
CA THR A 160 21.39 -10.43 -6.33
C THR A 160 20.87 -11.86 -6.17
N SER A 161 19.62 -12.06 -5.73
CA SER A 161 19.05 -13.41 -5.52
C SER A 161 18.92 -14.13 -6.89
N VAL A 162 19.28 -15.41 -6.95
CA VAL A 162 19.15 -16.27 -8.18
C VAL A 162 17.75 -16.91 -8.23
N ASP A 163 17.10 -17.08 -7.07
CA ASP A 163 15.86 -17.88 -6.90
C ASP A 163 14.80 -16.97 -6.26
N ALA A 164 14.05 -16.23 -7.07
CA ALA A 164 13.02 -15.26 -6.61
C ALA A 164 12.03 -15.98 -5.69
N ALA A 165 11.54 -17.14 -6.10
CA ALA A 165 10.51 -17.88 -5.32
C ALA A 165 11.07 -18.21 -3.94
N GLU A 166 12.37 -18.55 -3.82
CA GLU A 166 12.94 -18.88 -2.48
C GLU A 166 12.98 -17.62 -1.63
N ASP A 167 13.25 -16.44 -2.21
CA ASP A 167 13.21 -15.18 -1.41
C ASP A 167 11.81 -14.98 -0.83
N TYR A 168 10.76 -15.14 -1.65
CA TYR A 168 9.38 -14.93 -1.17
C TYR A 168 9.04 -16.00 -0.12
N ALA A 169 9.43 -17.26 -0.36
CA ALA A 169 9.20 -18.35 0.60
C ALA A 169 9.83 -18.03 1.96
N GLU A 170 11.06 -17.50 1.96
N GLU A 170 11.06 -17.52 1.97
CA GLU A 170 11.78 -17.09 3.19
CA GLU A 170 11.74 -17.12 3.23
C GLU A 170 10.99 -15.98 3.92
C GLU A 170 10.89 -16.05 3.92
N GLY A 171 10.41 -15.05 3.18
CA GLY A 171 9.56 -13.99 3.77
C GLY A 171 8.31 -14.58 4.41
N VAL A 172 7.68 -15.54 3.74
CA VAL A 172 6.48 -16.19 4.30
C VAL A 172 6.85 -16.86 5.62
N ARG A 173 7.93 -17.64 5.61
N ARG A 173 7.95 -17.61 5.66
CA ARG A 173 8.44 -18.38 6.80
CA ARG A 173 8.28 -18.39 6.88
C ARG A 173 8.64 -17.41 7.97
C ARG A 173 8.71 -17.46 8.02
N VAL A 174 9.34 -16.32 7.72
CA VAL A 174 9.88 -15.44 8.79
C VAL A 174 8.82 -14.43 9.24
N LEU A 175 8.13 -13.76 8.31
CA LEU A 175 7.16 -12.70 8.70
C LEU A 175 5.71 -13.14 8.59
N GLY A 176 5.41 -14.22 7.86
CA GLY A 176 4.04 -14.75 7.82
C GLY A 176 3.43 -14.88 9.22
N PRO A 177 4.17 -15.45 10.20
CA PRO A 177 3.60 -15.65 11.54
C PRO A 177 3.28 -14.37 12.33
N LEU A 178 3.69 -13.22 11.81
CA LEU A 178 3.53 -11.90 12.47
C LEU A 178 2.52 -11.04 11.71
N ALA A 179 1.94 -11.55 10.62
CA ALA A 179 1.14 -10.73 9.69
C ALA A 179 -0.31 -11.19 9.66
N ASP A 180 -1.24 -10.27 9.43
CA ASP A 180 -2.64 -10.65 9.09
C ASP A 180 -2.73 -10.95 7.61
N TYR A 181 -1.95 -10.26 6.78
CA TYR A 181 -1.84 -10.60 5.36
C TYR A 181 -0.41 -10.36 4.91
N LEU A 182 -0.02 -11.14 3.91
CA LEU A 182 1.26 -10.99 3.22
C LEU A 182 0.99 -10.51 1.81
N VAL A 183 1.92 -9.74 1.28
CA VAL A 183 1.86 -9.26 -0.11
C VAL A 183 3.07 -9.78 -0.86
N VAL A 184 2.81 -10.47 -1.94
CA VAL A 184 3.86 -10.88 -2.90
C VAL A 184 3.95 -9.73 -3.86
N ASN A 185 4.97 -8.91 -3.63
CA ASN A 185 5.21 -7.71 -4.45
C ASN A 185 5.97 -8.14 -5.68
N VAL A 186 5.27 -8.36 -6.80
CA VAL A 186 5.93 -8.70 -8.10
C VAL A 186 5.86 -7.48 -9.03
N SER A 187 5.70 -6.26 -8.52
CA SER A 187 5.38 -5.09 -9.39
C SER A 187 6.26 -3.88 -9.09
N SER A 188 7.33 -3.97 -8.27
CA SER A 188 8.27 -2.84 -8.20
C SER A 188 8.84 -2.57 -9.58
N PRO A 189 8.86 -1.30 -10.04
CA PRO A 189 9.55 -0.97 -11.28
C PRO A 189 11.07 -0.84 -11.14
N ASN A 190 11.60 -1.00 -9.91
CA ASN A 190 12.98 -0.58 -9.54
C ASN A 190 13.88 -1.76 -9.21
N THR A 191 13.45 -3.00 -9.50
CA THR A 191 14.29 -4.22 -9.39
C THR A 191 14.24 -4.92 -10.74
N ALA A 192 15.40 -5.06 -11.39
CA ALA A 192 15.54 -5.64 -12.75
C ALA A 192 14.92 -7.04 -12.78
N GLY A 193 14.02 -7.27 -13.73
CA GLY A 193 13.39 -8.58 -13.97
C GLY A 193 12.22 -8.88 -13.04
N LEU A 194 11.96 -8.06 -12.00
CA LEU A 194 10.92 -8.41 -10.99
C LEU A 194 9.54 -8.49 -11.64
N ARG A 195 9.19 -7.56 -12.53
CA ARG A 195 7.83 -7.48 -13.09
C ARG A 195 7.54 -8.67 -14.02
N SER A 196 8.58 -9.34 -14.54
N SER A 196 8.59 -9.32 -14.54
CA SER A 196 8.45 -10.59 -15.34
CA SER A 196 8.52 -10.59 -15.33
C SER A 196 7.88 -11.75 -14.50
C SER A 196 7.84 -11.69 -14.51
N LEU A 197 7.91 -11.63 -13.16
CA LEU A 197 7.28 -12.62 -12.26
C LEU A 197 5.75 -12.51 -12.31
N GLN A 198 5.19 -11.44 -12.90
CA GLN A 198 3.73 -11.31 -13.17
C GLN A 198 3.29 -12.20 -14.35
N GLY A 199 4.22 -12.71 -15.16
CA GLY A 199 3.86 -13.58 -16.30
C GLY A 199 3.25 -14.89 -15.85
N LYS A 200 2.40 -15.52 -16.66
CA LYS A 200 1.54 -16.66 -16.21
C LYS A 200 2.35 -17.82 -15.62
N ALA A 201 3.31 -18.37 -16.37
CA ALA A 201 4.09 -19.58 -15.98
C ALA A 201 4.89 -19.31 -14.70
N GLU A 202 5.60 -18.18 -14.67
CA GLU A 202 6.45 -17.71 -13.53
C GLU A 202 5.55 -17.44 -12.32
N LEU A 203 4.42 -16.76 -12.50
CA LEU A 203 3.51 -16.44 -11.38
C LEU A 203 2.93 -17.73 -10.80
N ARG A 204 2.47 -18.68 -11.62
CA ARG A 204 1.83 -19.92 -11.09
C ARG A 204 2.85 -20.70 -10.24
N ARG A 205 4.07 -20.88 -10.74
CA ARG A 205 5.16 -21.57 -10.00
C ARG A 205 5.43 -20.83 -8.68
N LEU A 206 5.64 -19.51 -8.76
CA LEU A 206 6.00 -18.67 -7.58
C LEU A 206 4.88 -18.78 -6.56
N LEU A 207 3.64 -18.55 -6.97
CA LEU A 207 2.51 -18.46 -6.01
C LEU A 207 2.19 -19.84 -5.44
N THR A 208 2.40 -20.92 -6.20
CA THR A 208 2.22 -22.29 -5.65
C THR A 208 3.17 -22.47 -4.46
N LYS A 209 4.43 -22.09 -4.63
CA LYS A 209 5.46 -22.22 -3.56
C LYS A 209 5.07 -21.33 -2.36
N VAL A 210 4.68 -20.09 -2.62
CA VAL A 210 4.30 -19.16 -1.52
C VAL A 210 3.13 -19.75 -0.74
N LEU A 211 2.10 -20.24 -1.44
CA LEU A 211 0.89 -20.75 -0.75
C LEU A 211 1.21 -22.03 0.03
N GLN A 212 2.07 -22.91 -0.49
N GLN A 212 2.08 -22.89 -0.54
CA GLN A 212 2.43 -24.14 0.27
CA GLN A 212 2.59 -24.11 0.13
C GLN A 212 3.13 -23.70 1.57
C GLN A 212 3.21 -23.71 1.46
N GLU A 213 4.03 -22.72 1.47
N GLU A 213 4.04 -22.67 1.45
CA GLU A 213 4.76 -22.22 2.66
CA GLU A 213 4.76 -22.23 2.68
C GLU A 213 3.75 -21.65 3.66
C GLU A 213 3.77 -21.61 3.66
N ARG A 214 2.82 -20.83 3.19
CA ARG A 214 1.80 -20.21 4.07
C ARG A 214 0.97 -21.31 4.74
N ASP A 215 0.54 -22.29 3.95
CA ASP A 215 -0.33 -23.38 4.45
C ASP A 215 0.38 -24.20 5.53
N GLY A 216 1.72 -24.22 5.54
CA GLY A 216 2.53 -24.91 6.54
C GLY A 216 2.62 -24.19 7.86
N LEU A 217 2.12 -22.97 7.98
CA LEU A 217 2.18 -22.24 9.26
C LEU A 217 1.01 -22.68 10.14
N ARG A 218 1.23 -22.64 11.45
CA ARG A 218 0.17 -22.96 12.43
C ARG A 218 -1.00 -21.98 12.25
N ARG A 219 -2.21 -22.44 12.53
CA ARG A 219 -3.48 -21.75 12.22
C ARG A 219 -3.47 -20.29 12.70
N VAL A 220 -3.08 -20.02 13.95
CA VAL A 220 -3.17 -18.64 14.51
C VAL A 220 -2.11 -17.74 13.85
N HIS A 221 -1.16 -18.32 13.13
CA HIS A 221 -0.01 -17.64 12.48
C HIS A 221 -0.09 -17.73 10.96
N ARG A 222 -1.27 -18.01 10.42
CA ARG A 222 -1.46 -18.30 8.97
C ARG A 222 -2.13 -17.09 8.31
N PRO A 223 -1.37 -16.22 7.61
CA PRO A 223 -1.93 -15.02 7.01
C PRO A 223 -2.61 -15.27 5.67
N ALA A 224 -3.49 -14.33 5.28
CA ALA A 224 -3.94 -14.20 3.89
C ALA A 224 -2.73 -13.87 3.00
N VAL A 225 -2.79 -14.28 1.73
CA VAL A 225 -1.74 -13.97 0.72
C VAL A 225 -2.38 -13.18 -0.41
N LEU A 226 -1.82 -12.01 -0.66
CA LEU A 226 -2.25 -11.12 -1.77
C LEU A 226 -1.09 -10.95 -2.75
N VAL A 227 -1.43 -10.68 -3.99
CA VAL A 227 -0.44 -10.33 -5.04
C VAL A 227 -0.64 -8.85 -5.38
N LYS A 228 0.45 -8.09 -5.38
CA LYS A 228 0.40 -6.66 -5.76
C LYS A 228 0.89 -6.52 -7.19
N ILE A 229 0.08 -5.89 -8.01
CA ILE A 229 0.33 -5.82 -9.46
C ILE A 229 0.58 -4.38 -9.90
N ALA A 230 1.21 -4.31 -11.05
CA ALA A 230 1.54 -3.06 -11.73
C ALA A 230 0.31 -2.47 -12.40
N PRO A 231 0.35 -1.15 -12.67
CA PRO A 231 -0.66 -0.47 -13.48
C PRO A 231 -0.35 -0.53 -14.99
N ASP A 232 0.79 -1.15 -15.35
CA ASP A 232 1.37 -1.11 -16.72
C ASP A 232 1.22 -2.46 -17.43
N LEU A 233 0.30 -3.30 -16.98
CA LEU A 233 0.13 -4.65 -17.54
C LEU A 233 -0.63 -4.58 -18.86
N THR A 234 -0.30 -5.51 -19.75
CA THR A 234 -1.11 -5.72 -20.96
C THR A 234 -2.43 -6.38 -20.56
N SER A 235 -3.41 -6.32 -21.45
N SER A 235 -3.43 -6.33 -21.43
CA SER A 235 -4.70 -7.05 -21.29
CA SER A 235 -4.70 -7.06 -21.25
C SER A 235 -4.42 -8.55 -21.08
C SER A 235 -4.42 -8.56 -21.07
N GLN A 236 -3.47 -9.12 -21.82
CA GLN A 236 -3.09 -10.55 -21.71
C GLN A 236 -2.54 -10.82 -20.30
N ASP A 237 -1.67 -9.94 -19.80
CA ASP A 237 -1.08 -10.09 -18.46
C ASP A 237 -2.19 -10.13 -17.40
N LYS A 238 -3.15 -9.21 -17.51
CA LYS A 238 -4.27 -9.13 -16.53
C LYS A 238 -5.14 -10.38 -16.59
N GLU A 239 -5.47 -10.87 -17.79
CA GLU A 239 -6.25 -12.10 -17.97
C GLU A 239 -5.52 -13.28 -17.31
N ASP A 240 -4.20 -13.34 -17.51
CA ASP A 240 -3.36 -14.45 -16.97
C ASP A 240 -3.33 -14.36 -15.45
N ILE A 241 -3.14 -13.17 -14.87
CA ILE A 241 -3.11 -13.03 -13.40
C ILE A 241 -4.45 -13.46 -12.81
N ALA A 242 -5.57 -13.02 -13.40
CA ALA A 242 -6.91 -13.39 -12.91
C ALA A 242 -7.05 -14.91 -12.93
N SER A 243 -6.60 -15.56 -14.01
CA SER A 243 -6.70 -17.04 -14.16
C SER A 243 -5.92 -17.74 -13.05
N VAL A 244 -4.69 -17.29 -12.81
CA VAL A 244 -3.79 -17.93 -11.80
C VAL A 244 -4.39 -17.69 -10.41
N VAL A 245 -4.85 -16.49 -10.11
CA VAL A 245 -5.38 -16.16 -8.77
C VAL A 245 -6.57 -17.08 -8.46
N LYS A 246 -7.46 -17.27 -9.43
CA LYS A 246 -8.64 -18.16 -9.22
C LYS A 246 -8.20 -19.62 -9.13
N GLU A 247 -7.29 -20.07 -10.00
CA GLU A 247 -6.79 -21.48 -10.01
C GLU A 247 -6.19 -21.83 -8.63
N LEU A 248 -5.40 -20.93 -8.04
CA LEU A 248 -4.63 -21.25 -6.83
C LEU A 248 -5.35 -20.84 -5.54
N GLY A 249 -6.42 -20.06 -5.61
CA GLY A 249 -7.12 -19.58 -4.41
C GLY A 249 -6.31 -18.51 -3.68
N ILE A 250 -5.61 -17.65 -4.42
CA ILE A 250 -4.98 -16.43 -3.85
C ILE A 250 -6.08 -15.62 -3.16
N ASP A 251 -5.77 -15.06 -2.00
CA ASP A 251 -6.79 -14.43 -1.13
C ASP A 251 -7.19 -13.05 -1.62
N GLY A 252 -6.33 -12.35 -2.34
CA GLY A 252 -6.67 -10.99 -2.79
C GLY A 252 -5.61 -10.40 -3.69
N LEU A 253 -5.91 -9.20 -4.18
CA LEU A 253 -5.00 -8.43 -5.03
C LEU A 253 -4.82 -7.03 -4.46
N ILE A 254 -3.62 -6.48 -4.61
CA ILE A 254 -3.37 -5.05 -4.35
C ILE A 254 -3.10 -4.41 -5.71
N VAL A 255 -3.90 -3.38 -6.00
CA VAL A 255 -4.02 -2.81 -7.36
C VAL A 255 -4.03 -1.30 -7.17
N THR A 256 -2.91 -0.58 -7.40
CA THR A 256 -1.71 -0.94 -8.11
C THR A 256 -0.47 -0.37 -7.42
N ASN A 257 0.68 -0.88 -7.87
CA ASN A 257 2.00 -0.26 -7.63
C ASN A 257 2.12 1.03 -8.47
N THR A 258 3.29 1.65 -8.42
CA THR A 258 3.62 2.84 -9.22
C THR A 258 3.73 2.50 -10.70
N THR A 259 3.64 3.53 -11.54
CA THR A 259 3.69 3.37 -13.01
C THR A 259 5.07 3.78 -13.56
N VAL A 260 5.55 3.02 -14.54
CA VAL A 260 6.74 3.41 -15.35
C VAL A 260 6.31 4.25 -16.54
N SER A 261 5.01 4.44 -16.74
CA SER A 261 4.52 5.38 -17.77
C SER A 261 4.73 6.81 -17.29
N ARG A 262 4.70 7.74 -18.23
CA ARG A 262 4.76 9.19 -17.96
C ARG A 262 3.60 9.79 -18.71
N PRO A 263 2.39 9.82 -18.09
CA PRO A 263 1.21 10.34 -18.76
C PRO A 263 1.52 11.70 -19.38
N ALA A 264 0.92 11.95 -20.53
CA ALA A 264 0.97 13.27 -21.16
C ALA A 264 0.46 14.28 -20.13
N GLY A 265 1.10 15.43 -20.07
CA GLY A 265 0.64 16.55 -19.22
C GLY A 265 1.45 16.75 -17.97
N LEU A 266 2.33 15.82 -17.59
CA LEU A 266 3.20 16.06 -16.42
C LEU A 266 3.98 17.36 -16.61
N GLN A 267 4.01 18.19 -15.57
CA GLN A 267 4.68 19.51 -15.59
C GLN A 267 5.98 19.52 -14.79
N GLY A 268 6.12 18.68 -13.79
CA GLY A 268 7.29 18.76 -12.91
C GLY A 268 8.58 18.71 -13.71
N ALA A 269 9.56 19.50 -13.27
CA ALA A 269 10.90 19.50 -13.92
C ALA A 269 11.50 18.08 -13.91
N LEU A 270 11.14 17.26 -12.92
CA LEU A 270 11.78 15.95 -12.70
C LEU A 270 10.99 14.81 -13.35
N ARG A 271 10.06 15.11 -14.25
CA ARG A 271 9.15 14.10 -14.84
C ARG A 271 9.91 12.98 -15.57
N SER A 272 11.12 13.23 -16.09
CA SER A 272 11.88 12.25 -16.89
C SER A 272 12.92 11.50 -16.05
N GLU A 273 12.89 11.65 -14.72
CA GLU A 273 13.66 10.77 -13.83
C GLU A 273 13.16 9.33 -13.97
N THR A 274 14.08 8.37 -13.94
CA THR A 274 13.78 6.92 -13.85
C THR A 274 13.09 6.62 -12.51
N GLY A 275 12.04 5.81 -12.58
CA GLY A 275 11.42 5.25 -11.38
C GLY A 275 9.93 5.10 -11.52
N GLY A 276 9.29 4.77 -10.41
CA GLY A 276 7.84 4.64 -10.39
C GLY A 276 7.17 5.94 -10.04
N LEU A 277 6.17 6.33 -10.83
CA LEU A 277 5.36 7.55 -10.60
C LEU A 277 4.14 7.18 -9.75
N SER A 278 3.90 7.98 -8.73
CA SER A 278 2.76 7.84 -7.79
C SER A 278 1.97 9.15 -7.72
N GLY A 279 0.86 9.13 -7.00
CA GLY A 279 0.04 10.33 -6.79
C GLY A 279 -0.98 10.55 -7.90
N LYS A 280 -1.38 11.80 -8.07
N LYS A 280 -1.39 11.79 -8.09
CA LYS A 280 -2.57 12.19 -8.88
CA LYS A 280 -2.62 12.07 -8.87
C LYS A 280 -2.49 11.60 -10.28
C LYS A 280 -2.50 11.55 -10.30
N PRO A 281 -1.34 11.63 -11.00
CA PRO A 281 -1.29 11.15 -12.39
C PRO A 281 -1.53 9.64 -12.54
N LEU A 282 -1.37 8.89 -11.45
CA LEU A 282 -1.59 7.43 -11.40
C LEU A 282 -3.06 7.10 -11.11
N ARG A 283 -3.82 8.04 -10.55
CA ARG A 283 -5.12 7.71 -9.91
C ARG A 283 -6.03 6.92 -10.85
N ASP A 284 -6.34 7.46 -12.02
CA ASP A 284 -7.38 6.84 -12.85
C ASP A 284 -6.85 5.58 -13.55
N LEU A 285 -5.55 5.51 -13.84
N LEU A 285 -5.57 5.52 -13.88
CA LEU A 285 -4.93 4.29 -14.37
CA LEU A 285 -4.94 4.25 -14.35
C LEU A 285 -5.05 3.14 -13.36
C LEU A 285 -5.21 3.17 -13.29
N SER A 286 -4.94 3.46 -12.06
N SER A 286 -4.89 3.45 -12.04
N SER A 286 -4.99 3.58 -12.04
CA SER A 286 -5.14 2.50 -10.95
CA SER A 286 -5.13 2.49 -10.93
CA SER A 286 -5.13 2.48 -11.05
C SER A 286 -6.62 2.11 -10.83
C SER A 286 -6.61 2.11 -10.86
C SER A 286 -6.59 2.11 -10.84
N THR A 287 -7.51 3.10 -10.82
CA THR A 287 -8.97 2.82 -10.71
C THR A 287 -9.41 1.88 -11.84
N GLN A 288 -8.95 2.12 -13.07
N GLN A 288 -8.97 2.17 -13.06
CA GLN A 288 -9.38 1.30 -14.22
CA GLN A 288 -9.33 1.34 -14.24
C GLN A 288 -8.74 -0.09 -14.15
C GLN A 288 -8.80 -0.09 -14.04
N THR A 289 -7.58 -0.23 -13.51
CA THR A 289 -6.98 -1.56 -13.28
C THR A 289 -7.82 -2.33 -12.25
N ILE A 290 -8.25 -1.66 -11.20
CA ILE A 290 -9.18 -2.27 -10.19
C ILE A 290 -10.43 -2.76 -10.91
N ARG A 291 -11.00 -1.90 -11.74
CA ARG A 291 -12.26 -2.20 -12.44
C ARG A 291 -12.09 -3.49 -13.26
N GLU A 292 -10.99 -3.60 -14.02
N GLU A 292 -11.01 -3.56 -14.05
CA GLU A 292 -10.75 -4.75 -14.92
CA GLU A 292 -10.70 -4.72 -14.90
C GLU A 292 -10.44 -6.01 -14.09
C GLU A 292 -10.55 -5.96 -14.01
N MET A 293 -9.70 -5.89 -12.99
CA MET A 293 -9.39 -7.08 -12.17
C MET A 293 -10.64 -7.57 -11.45
N TYR A 294 -11.51 -6.68 -11.00
CA TYR A 294 -12.77 -7.07 -10.33
C TYR A 294 -13.60 -7.88 -11.33
N ALA A 295 -13.77 -7.37 -12.55
CA ALA A 295 -14.56 -8.06 -13.59
C ALA A 295 -13.94 -9.42 -13.90
N LEU A 296 -12.63 -9.49 -14.11
CA LEU A 296 -11.96 -10.74 -14.51
C LEU A 296 -12.05 -11.79 -13.39
N THR A 297 -12.22 -11.38 -12.13
CA THR A 297 -12.31 -12.30 -10.98
C THR A 297 -13.76 -12.44 -10.50
N GLN A 298 -14.74 -11.92 -11.25
CA GLN A 298 -16.18 -12.07 -10.99
C GLN A 298 -16.53 -11.50 -9.61
N GLY A 299 -15.77 -10.51 -9.13
CA GLY A 299 -16.06 -9.89 -7.83
C GLY A 299 -15.79 -10.82 -6.66
N ARG A 300 -15.14 -11.97 -6.88
CA ARG A 300 -14.96 -13.02 -5.85
C ARG A 300 -13.60 -12.90 -5.15
N VAL A 301 -12.74 -11.97 -5.57
CA VAL A 301 -11.35 -11.83 -5.06
C VAL A 301 -11.22 -10.43 -4.47
N PRO A 302 -11.09 -10.29 -3.15
CA PRO A 302 -10.92 -8.97 -2.55
C PRO A 302 -9.75 -8.19 -3.18
N ILE A 303 -9.99 -6.91 -3.41
CA ILE A 303 -9.00 -5.98 -3.97
C ILE A 303 -8.75 -4.86 -2.95
N ILE A 304 -7.48 -4.59 -2.73
CA ILE A 304 -7.05 -3.35 -2.03
C ILE A 304 -6.64 -2.37 -3.12
N GLY A 305 -7.37 -1.26 -3.21
CA GLY A 305 -7.17 -0.27 -4.28
C GLY A 305 -6.22 0.82 -3.84
N VAL A 306 -5.24 1.14 -4.68
CA VAL A 306 -4.18 2.11 -4.29
C VAL A 306 -3.66 2.78 -5.56
N GLY A 307 -3.42 4.08 -5.42
CA GLY A 307 -2.85 4.91 -6.49
C GLY A 307 -3.59 6.21 -6.59
N GLY A 308 -2.97 7.29 -6.12
CA GLY A 308 -3.57 8.62 -6.29
C GLY A 308 -4.80 8.91 -5.44
N VAL A 309 -4.99 8.26 -4.31
CA VAL A 309 -6.10 8.61 -3.38
C VAL A 309 -5.68 9.80 -2.50
N SER A 310 -6.41 10.91 -2.59
N SER A 310 -6.40 10.92 -2.63
CA SER A 310 -6.22 12.06 -1.68
CA SER A 310 -6.23 12.15 -1.81
C SER A 310 -7.55 12.68 -1.24
C SER A 310 -7.53 12.58 -1.11
N SER A 311 -8.68 12.03 -1.49
CA SER A 311 -10.00 12.52 -1.09
C SER A 311 -10.97 11.35 -0.92
N GLY A 312 -12.10 11.65 -0.28
CA GLY A 312 -13.19 10.67 -0.17
C GLY A 312 -13.69 10.28 -1.54
N GLN A 313 -13.80 11.24 -2.47
CA GLN A 313 -14.23 10.88 -3.84
C GLN A 313 -13.25 9.87 -4.45
N ASP A 314 -11.95 10.10 -4.30
CA ASP A 314 -10.96 9.18 -4.89
C ASP A 314 -11.16 7.79 -4.27
N ALA A 315 -11.36 7.72 -2.96
CA ALA A 315 -11.54 6.43 -2.28
C ALA A 315 -12.82 5.76 -2.79
N LEU A 316 -13.91 6.51 -2.87
CA LEU A 316 -15.21 5.90 -3.26
C LEU A 316 -15.15 5.45 -4.73
N GLU A 317 -14.46 6.18 -5.60
CA GLU A 317 -14.33 5.70 -7.00
C GLU A 317 -13.65 4.33 -7.04
N LYS A 318 -12.61 4.13 -6.22
CA LYS A 318 -11.94 2.80 -6.22
C LYS A 318 -12.85 1.73 -5.61
N ILE A 319 -13.58 2.06 -4.54
CA ILE A 319 -14.53 1.11 -3.91
C ILE A 319 -15.61 0.73 -4.91
N ARG A 320 -16.21 1.71 -5.57
CA ARG A 320 -17.30 1.42 -6.55
C ARG A 320 -16.73 0.61 -7.73
N ALA A 321 -15.46 0.78 -8.08
CA ALA A 321 -14.80 0.01 -9.16
C ALA A 321 -14.51 -1.43 -8.72
N GLY A 322 -14.53 -1.74 -7.42
CA GLY A 322 -14.29 -3.11 -6.94
C GLY A 322 -13.38 -3.23 -5.76
N ALA A 323 -12.80 -2.16 -5.23
CA ALA A 323 -11.93 -2.26 -4.04
C ALA A 323 -12.75 -2.45 -2.76
N SER A 324 -12.34 -3.39 -1.91
CA SER A 324 -12.90 -3.58 -0.57
C SER A 324 -12.24 -2.63 0.43
N LEU A 325 -10.98 -2.28 0.17
CA LEU A 325 -10.16 -1.41 1.02
C LEU A 325 -9.36 -0.51 0.08
N VAL A 326 -8.89 0.61 0.61
CA VAL A 326 -7.98 1.48 -0.18
C VAL A 326 -6.73 1.79 0.63
N GLN A 327 -5.65 2.15 -0.05
CA GLN A 327 -4.45 2.66 0.61
C GLN A 327 -4.07 3.98 -0.03
N LEU A 328 -3.26 4.74 0.70
CA LEU A 328 -2.60 5.93 0.15
C LEU A 328 -1.20 6.04 0.72
N TYR A 329 -0.35 6.71 -0.04
CA TYR A 329 0.97 7.16 0.45
C TYR A 329 1.20 8.59 -0.04
N THR A 330 1.31 8.79 -1.34
CA THR A 330 1.81 10.07 -1.90
C THR A 330 1.01 11.27 -1.34
N ALA A 331 -0.30 11.17 -1.15
CA ALA A 331 -1.09 12.30 -0.62
C ALA A 331 -0.54 12.77 0.74
N LEU A 332 -0.02 11.85 1.55
N LEU A 332 -0.04 11.86 1.58
CA LEU A 332 0.54 12.17 2.88
CA LEU A 332 0.57 12.23 2.89
C LEU A 332 1.76 13.09 2.74
C LEU A 332 1.68 13.24 2.67
N THR A 333 2.46 13.07 1.60
CA THR A 333 3.68 13.90 1.37
C THR A 333 3.26 15.37 1.12
N PHE A 334 2.04 15.60 0.67
CA PHE A 334 1.55 16.97 0.34
C PHE A 334 0.66 17.52 1.45
N TRP A 335 -0.20 16.68 2.04
N TRP A 335 -0.25 16.70 2.01
CA TRP A 335 -1.29 17.06 2.98
CA TRP A 335 -1.28 17.15 2.98
C TRP A 335 -0.87 16.80 4.43
C TRP A 335 -0.87 16.81 4.44
N GLY A 336 0.06 15.88 4.66
CA GLY A 336 0.43 15.46 6.01
C GLY A 336 -0.65 14.61 6.67
N PRO A 337 -0.45 14.26 7.96
CA PRO A 337 -1.35 13.36 8.68
C PRO A 337 -2.84 13.69 8.66
N PRO A 338 -3.28 14.97 8.63
CA PRO A 338 -4.71 15.26 8.59
C PRO A 338 -5.43 14.70 7.36
N VAL A 339 -4.69 14.33 6.30
CA VAL A 339 -5.34 13.74 5.09
C VAL A 339 -6.14 12.50 5.45
N VAL A 340 -5.73 11.75 6.48
CA VAL A 340 -6.40 10.46 6.79
C VAL A 340 -7.84 10.74 7.25
N GLY A 341 -8.02 11.63 8.23
CA GLY A 341 -9.36 12.02 8.69
C GLY A 341 -10.16 12.69 7.58
N LYS A 342 -9.49 13.47 6.73
N LYS A 342 -9.51 13.48 6.73
CA LYS A 342 -10.12 14.15 5.57
CA LYS A 342 -10.19 14.14 5.59
C LYS A 342 -10.77 13.11 4.65
C LYS A 342 -10.81 13.08 4.67
N VAL A 343 -10.02 12.09 4.26
CA VAL A 343 -10.51 11.03 3.34
C VAL A 343 -11.67 10.29 4.02
N LYS A 344 -11.53 9.93 5.30
CA LYS A 344 -12.60 9.18 5.99
C LYS A 344 -13.88 10.01 6.10
N ARG A 345 -13.76 11.29 6.46
CA ARG A 345 -14.94 12.17 6.63
C ARG A 345 -15.63 12.31 5.27
N GLU A 346 -14.87 12.60 4.23
CA GLU A 346 -15.44 12.81 2.88
C GLU A 346 -16.08 11.51 2.39
N LEU A 347 -15.44 10.36 2.62
CA LEU A 347 -15.98 9.06 2.18
C LEU A 347 -17.32 8.79 2.87
N GLU A 348 -17.39 8.97 4.20
CA GLU A 348 -18.64 8.76 4.95
C GLU A 348 -19.73 9.66 4.35
N ALA A 349 -19.43 10.93 4.10
CA ALA A 349 -20.43 11.89 3.58
C ALA A 349 -20.93 11.43 2.21
N LEU A 350 -20.03 10.98 1.33
CA LEU A 350 -20.41 10.54 -0.04
C LEU A 350 -21.23 9.25 0.03
N LEU A 351 -20.88 8.31 0.91
CA LEU A 351 -21.68 7.07 1.05
C LEU A 351 -23.12 7.44 1.40
N LYS A 352 -23.30 8.37 2.35
CA LYS A 352 -24.66 8.82 2.77
C LYS A 352 -25.37 9.48 1.59
N GLU A 353 -24.66 10.36 0.87
CA GLU A 353 -25.24 11.13 -0.27
C GLU A 353 -25.68 10.19 -1.39
N GLN A 354 -25.00 9.06 -1.59
CA GLN A 354 -25.25 8.13 -2.72
C GLN A 354 -26.12 6.95 -2.28
N GLY A 355 -26.63 6.97 -1.04
CA GLY A 355 -27.63 6.01 -0.56
C GLY A 355 -27.05 4.66 -0.16
N PHE A 356 -25.75 4.60 0.14
CA PHE A 356 -25.10 3.35 0.60
C PHE A 356 -25.23 3.26 2.12
N GLY A 357 -25.63 2.10 2.64
CA GLY A 357 -25.69 1.84 4.10
C GLY A 357 -24.31 1.89 4.73
N GLY A 358 -23.29 1.52 3.96
CA GLY A 358 -21.89 1.50 4.42
C GLY A 358 -20.95 1.18 3.28
N VAL A 359 -19.66 1.10 3.59
CA VAL A 359 -18.62 0.79 2.59
C VAL A 359 -19.01 -0.51 1.88
N THR A 360 -19.41 -1.53 2.62
CA THR A 360 -19.63 -2.89 2.07
C THR A 360 -20.61 -2.81 0.89
N ASP A 361 -21.68 -2.01 1.03
CA ASP A 361 -22.76 -1.89 0.02
C ASP A 361 -22.22 -1.25 -1.26
N ALA A 362 -21.16 -0.44 -1.16
CA ALA A 362 -20.59 0.30 -2.32
C ALA A 362 -19.57 -0.54 -3.10
N ILE A 363 -19.04 -1.61 -2.51
CA ILE A 363 -17.95 -2.38 -3.17
C ILE A 363 -18.48 -2.93 -4.49
N GLY A 364 -17.85 -2.55 -5.60
CA GLY A 364 -18.20 -3.04 -6.93
C GLY A 364 -19.51 -2.46 -7.46
N ALA A 365 -20.07 -1.43 -6.83
CA ALA A 365 -21.41 -0.88 -7.21
C ALA A 365 -21.44 -0.47 -8.69
N ASP A 366 -20.34 0.01 -9.26
CA ASP A 366 -20.36 0.46 -10.67
C ASP A 366 -20.68 -0.71 -11.62
N HIS A 367 -20.28 -1.92 -11.26
CA HIS A 367 -20.47 -3.13 -12.11
C HIS A 367 -21.94 -3.53 -12.16
N ARG A 368 -22.76 -3.04 -11.23
CA ARG A 368 -24.20 -3.40 -11.10
C ARG A 368 -25.11 -2.32 -11.73
N ARG A 369 -24.53 -1.29 -12.37
N ARG A 369 -24.53 -1.28 -12.36
CA ARG A 369 -25.30 -0.19 -13.04
CA ARG A 369 -25.29 -0.17 -13.00
C ARG A 369 -25.82 -0.68 -14.39
C ARG A 369 -25.75 -0.59 -14.40
N1 FMN B . 5.05 -0.50 -3.00
C2 FMN B . 5.43 -1.70 -2.56
O2 FMN B . 4.72 -2.72 -2.73
N3 FMN B . 6.63 -1.85 -1.89
C4 FMN B . 7.51 -0.83 -1.66
O4 FMN B . 8.54 -1.05 -0.98
C4A FMN B . 7.12 0.47 -2.11
N5 FMN B . 7.94 1.51 -1.94
C5A FMN B . 7.47 2.74 -2.29
C6 FMN B . 8.23 3.89 -2.02
C7 FMN B . 7.80 5.16 -2.33
C7M FMN B . 8.64 6.35 -1.97
C8 FMN B . 6.52 5.33 -2.90
C8M FMN B . 5.99 6.70 -3.23
C9 FMN B . 5.78 4.22 -3.23
C9A FMN B . 6.21 2.92 -2.91
N10 FMN B . 5.43 1.78 -3.20
C10 FMN B . 5.85 0.53 -2.78
C1' FMN B . 4.15 1.91 -3.91
C2' FMN B . 3.00 2.32 -3.02
O2' FMN B . 2.70 1.30 -2.06
C3' FMN B . 1.74 2.58 -3.85
O3' FMN B . 1.38 1.34 -4.49
C4' FMN B . 1.87 3.70 -4.89
O4' FMN B . 2.75 4.73 -4.44
C5' FMN B . 0.54 4.28 -5.29
O5' FMN B . -0.15 4.90 -4.18
P FMN B . -0.04 6.51 -3.94
O1P FMN B . 1.36 6.79 -3.41
O2P FMN B . -0.34 7.18 -5.27
O3P FMN B . -1.11 6.76 -2.89
N1 ORO C . 9.22 1.58 -5.29
C2 ORO C . 7.93 1.52 -5.78
O2 ORO C . 7.37 2.46 -6.33
N3 ORO C . 7.33 0.29 -5.65
C4 ORO C . 7.87 -0.83 -5.07
O4 ORO C . 7.24 -1.89 -5.04
C5 ORO C . 9.21 -0.67 -4.57
C6 ORO C . 9.83 0.54 -4.66
C7 ORO C . 11.28 0.74 -4.34
O71 ORO C . 11.73 0.17 -3.36
O72 ORO C . 11.95 1.32 -5.22
C1 A1A4N D . 7.95 9.89 -0.82
C2 A1A4N D . 8.94 10.30 0.27
C4 A1A4N D . 7.66 11.04 2.30
C8 A1A4N D . 8.38 12.66 0.98
C11 A1A4N D . 6.59 12.60 3.97
C12 A1A4N D . 7.10 13.62 4.75
C17 A1A4N D . 4.49 13.77 7.47
C19 A1A4N D . 5.19 13.38 6.24
C21 A1A4N D . 5.39 11.97 4.33
C23 A1A4N D . 4.62 15.09 9.52
C24 A1A4N D . 4.35 16.45 9.69
C27 A1A4N D . 3.97 14.64 11.77
C30 A1A4N D . 8.25 15.76 6.55
C31 A1A4N D . 8.89 16.29 7.82
C32 A1A4N D . 7.93 16.88 5.56
N3 A1A4N D . 8.34 11.30 1.15
O5 A1A4N D . 7.46 9.93 2.82
N6 A1A4N D . 7.28 12.26 2.80
N7 A1A4N D . 7.76 13.26 1.93
C9 A1A4N D . 9.06 13.41 -0.12
O10 A1A4N D . 8.45 13.16 -1.36
C13 A1A4N D . 6.41 14.03 5.90
C14 A1A4N D . 6.94 15.04 6.82
N15 A1A4N D . 6.32 15.25 7.94
N16 A1A4N D . 5.12 14.67 8.29
O18 A1A4N D . 3.40 13.28 7.76
C20 A1A4N D . 4.72 12.33 5.45
F22 A1A4N D . 4.89 10.99 3.55
C25 A1A4N D . 3.93 16.89 10.93
C26 A1A4N D . 3.72 15.98 11.97
C28 A1A4N D . 4.43 14.18 10.57
C29 A1A4N D . 4.70 12.70 10.42
S SO4 E . 0.45 -20.93 18.60
O1 SO4 E . 0.65 -21.35 17.27
O2 SO4 E . 1.06 -21.86 19.54
O3 SO4 E . 1.03 -19.62 18.79
O4 SO4 E . -0.96 -20.85 18.88
S SO4 F . -5.42 -26.45 11.11
O1 SO4 F . -6.16 -25.34 10.56
O2 SO4 F . -4.08 -26.44 10.60
O3 SO4 F . -5.40 -26.35 12.54
O4 SO4 F . -6.06 -27.68 10.73
C ACT G . -2.15 -10.57 14.37
O ACT G . -1.81 -10.57 15.54
OXT ACT G . -3.32 -10.77 14.01
CH3 ACT G . -1.05 -10.37 13.31
CL CL H . 4.62 6.79 -21.05
CL CL I . 12.67 16.67 -5.39
CL CL J . 5.47 -16.41 15.94
CL CL K . 17.58 -14.34 13.61
CL CL L . -2.88 -4.43 -23.93
CL CL M . 11.45 4.58 -15.48
CL CL N . -13.58 -12.28 5.70
CL CL O . -3.66 -22.53 -0.18
S SO4 P . 13.71 4.97 4.65
O1 SO4 P . 12.80 5.67 5.53
O2 SO4 P . 14.17 5.86 3.61
O3 SO4 P . 14.85 4.48 5.41
O4 SO4 P . 13.02 3.86 4.05
C1 EDO Q . 17.22 25.48 3.59
O1 EDO Q . 18.11 24.59 4.24
C2 EDO Q . 17.16 25.31 2.12
O2 EDO Q . 16.91 23.97 1.71
C1 EDO R . 13.16 6.06 12.91
O1 EDO R . 13.67 5.16 11.93
C2 EDO R . 12.26 5.41 13.91
O2 EDO R . 12.89 4.53 14.81
C1 EDO S . 3.92 5.74 18.36
O1 EDO S . 4.86 4.69 18.50
C2 EDO S . 2.70 5.55 19.18
O2 EDO S . 1.63 6.42 18.86
C1 EDO T . -5.97 -18.32 5.73
C1 EDO T . -5.76 -18.09 5.63
O1 EDO T . -5.32 -17.87 6.91
O1 EDO T . -5.06 -19.24 5.19
C2 EDO T . -6.39 -17.24 4.82
C2 EDO T . -6.27 -17.24 4.51
O2 EDO T . -7.02 -17.72 3.65
O2 EDO T . -6.83 -15.99 4.93
C1 EDO U . 16.45 -1.50 16.36
O1 EDO U . 16.05 -2.59 15.52
C2 EDO U . 15.39 -0.47 16.46
O2 EDO U . 14.07 -0.97 16.36
C ACT V . -12.34 5.75 -14.54
O ACT V . -12.41 4.71 -13.82
OXT ACT V . -13.21 6.17 -15.29
CH3 ACT V . -11.06 6.48 -14.54
C1 EDO W . 19.28 2.79 7.32
O1 EDO W . 19.81 3.98 7.83
C2 EDO W . 17.83 2.90 7.01
O2 EDO W . 17.02 3.33 8.11
C1 EDO X . 17.12 -15.08 5.42
O1 EDO X . 18.42 -14.53 5.46
C2 EDO X . 16.21 -14.46 6.41
O2 EDO X . 16.70 -14.45 7.75
C ACT Y . -4.35 -14.93 11.42
O ACT Y . -5.17 -14.14 11.92
OXT ACT Y . -3.29 -14.58 10.85
CH3 ACT Y . -4.67 -16.42 11.48
C1 PGE Z . 5.98 19.65 13.12
O1 PGE Z . 7.25 19.35 12.60
C2 PGE Z . 5.48 18.58 14.03
O2 PGE Z . 4.20 18.94 14.55
C3 PGE Z . 3.73 18.01 15.53
C4 PGE Z . 2.37 18.43 16.02
O4 PGE Z . 0.93 17.03 20.08
C6 PGE Z . 2.12 16.84 19.34
C5 PGE Z . 2.40 17.95 18.36
O3 PGE Z . 1.94 17.55 17.06
C1 EDO AA . 18.78 12.25 -0.66
O1 EDO AA . 19.41 12.32 -1.92
C2 EDO AA . 17.64 13.19 -0.50
O2 EDO AA . 16.58 13.00 -1.40
C1 EDO BA . 11.14 19.79 -5.68
C1 EDO BA . 10.93 19.72 -6.32
O1 EDO BA . 10.88 19.20 -6.94
O1 EDO BA . 10.27 20.79 -6.97
C2 EDO BA . 10.03 20.65 -5.17
C2 EDO BA . 11.08 19.95 -4.85
O2 EDO BA . 9.31 20.15 -4.04
O2 EDO BA . 12.09 19.15 -4.26
C1 EDO CA . -0.58 -22.36 -19.47
O1 EDO CA . 0.37 -21.67 -18.66
C2 EDO CA . -1.95 -22.28 -18.94
O2 EDO CA . -2.99 -22.35 -19.90
C ACT DA . 1.17 -9.65 -24.36
O ACT DA . 0.53 -8.98 -25.18
OXT ACT DA . 1.23 -9.37 -23.13
CH3 ACT DA . 1.92 -10.88 -24.84
#